data_8DJW
#
_entry.id   8DJW
#
_cell.length_a   38.195
_cell.length_b   74.965
_cell.length_c   83.102
_cell.angle_alpha   90.000
_cell.angle_beta   90.000
_cell.angle_gamma   90.000
#
_symmetry.space_group_name_H-M   'P 21 21 21'
#
loop_
_entity.id
_entity.type
_entity.pdbx_description
1 polymer 'L-ascorbate peroxidase'
2 non-polymer 'PROTOPORPHYRIN IX CONTAINING FE'
3 non-polymer 'OXYGEN MOLECULE'
4 non-polymer 'SODIUM ION'
5 water water
#
_entity_poly.entity_id   1
_entity_poly.type   'polypeptide(L)'
_entity_poly.pdbx_seq_one_letter_code
;MAKSYPTVSAEYSEAVEKARQKLRALIAEKSCAPLMLRLAWHSAGTFDVSSRTGGPFGTMKNPAELAHGANAGLDIAVRL
LEPIKEEFPILSYADFYQLAGVVAVEVTGGPQIPFHPGREDKPQPPPEGRLPDATKGSDHLRQVFGKQMGLSDQDIVALS
GGHTLGRCHKERSGFEGAWTSNPLVFDNSYFKELLSGDKEGLLQLPSDKALLSDPAFRPLVDKYAADEKAFFEDYKEAHL
KLSELGFADA
;
_entity_poly.pdbx_strand_id   A
#
loop_
_chem_comp.id
_chem_comp.type
_chem_comp.name
_chem_comp.formula
HEM non-polymer 'PROTOPORPHYRIN IX CONTAINING FE' 'C34 H32 Fe N4 O4'
NA non-polymer 'SODIUM ION' 'Na 1'
OXY non-polymer 'OXYGEN MOLECULE' O2
#
# COMPACT_ATOMS: atom_id res chain seq x y z
N MET A 1 -7.54 -7.44 19.74
CA MET A 1 -6.82 -6.76 20.85
C MET A 1 -5.31 -6.89 20.65
N ALA A 2 -4.89 -7.22 19.42
CA ALA A 2 -3.48 -7.41 19.14
C ALA A 2 -2.69 -6.11 19.16
N LYS A 3 -3.34 -4.96 19.30
CA LYS A 3 -2.67 -3.66 19.30
C LYS A 3 -2.92 -2.94 20.62
N SER A 4 -1.92 -2.16 21.03
CA SER A 4 -2.02 -1.23 22.14
C SER A 4 -1.48 0.11 21.63
N TYR A 5 -2.36 1.02 21.23
CA TYR A 5 -1.85 2.18 20.51
C TYR A 5 -1.27 3.21 21.49
N PRO A 6 -0.18 3.88 21.11
CA PRO A 6 0.44 4.84 22.04
C PRO A 6 -0.37 6.11 22.14
N THR A 7 -0.16 6.80 23.27
CA THR A 7 -0.78 8.09 23.52
C THR A 7 0.09 9.16 22.90
N VAL A 8 -0.54 10.00 22.09
CA VAL A 8 0.11 11.15 21.52
C VAL A 8 -0.59 12.40 22.03
N SER A 9 0.18 13.49 22.01
CA SER A 9 -0.29 14.80 22.45
C SER A 9 -1.48 15.26 21.60
N ALA A 10 -2.29 16.16 22.18
CA ALA A 10 -3.32 16.84 21.40
C ALA A 10 -2.73 17.55 20.18
N GLU A 11 -1.58 18.20 20.34
CA GLU A 11 -0.92 18.85 19.21
C GLU A 11 -0.56 17.85 18.13
N TYR A 12 -0.08 16.65 18.51
CA TYR A 12 0.24 15.63 17.51
C TYR A 12 -1.02 15.27 16.74
N SER A 13 -2.12 15.07 17.47
CA SER A 13 -3.39 14.70 16.82
C SER A 13 -3.92 15.83 15.93
N GLU A 14 -3.70 17.08 16.32
CA GLU A 14 -4.16 18.19 15.49
C GLU A 14 -3.33 18.27 14.21
N ALA A 15 -2.03 17.98 14.31
CA ALA A 15 -1.19 17.96 13.14
C ALA A 15 -1.57 16.83 12.20
N VAL A 16 -1.95 15.67 12.73
CA VAL A 16 -2.42 14.58 11.86
C VAL A 16 -3.62 15.04 11.03
N GLU A 17 -4.60 15.68 11.69
CA GLU A 17 -5.79 16.10 10.99
C GLU A 17 -5.51 17.20 9.96
N LYS A 18 -4.72 18.21 10.31
CA LYS A 18 -4.42 19.24 9.34
C LYS A 18 -3.59 18.69 8.18
N ALA A 19 -2.65 17.78 8.47
CA ALA A 19 -1.91 17.14 7.40
C ALA A 19 -2.83 16.28 6.52
N ARG A 20 -3.79 15.58 7.15
CA ARG A 20 -4.74 14.80 6.36
C ARG A 20 -5.51 15.66 5.37
N GLN A 21 -5.94 16.84 5.81
CA GLN A 21 -6.68 17.73 4.92
C GLN A 21 -5.80 18.24 3.79
N LYS A 22 -4.55 18.58 4.09
CA LYS A 22 -3.66 19.05 3.03
C LYS A 22 -3.34 17.94 2.05
N LEU A 23 -3.20 16.73 2.54
CA LEU A 23 -2.92 15.58 1.69
C LEU A 23 -4.10 15.24 0.80
N ARG A 24 -5.31 15.35 1.34
CA ARG A 24 -6.50 15.11 0.52
C ARG A 24 -6.56 16.10 -0.62
N ALA A 25 -6.24 17.36 -0.36
CA ALA A 25 -6.26 18.36 -1.44
C ALA A 25 -5.16 18.09 -2.46
N LEU A 26 -3.93 17.87 -1.99
CA LEU A 26 -2.82 17.72 -2.92
C LEU A 26 -2.97 16.47 -3.78
N ILE A 27 -3.34 15.35 -3.15
CA ILE A 27 -3.39 14.09 -3.85
C ILE A 27 -4.50 14.12 -4.90
N ALA A 28 -5.63 14.70 -4.55
CA ALA A 28 -6.68 14.92 -5.55
C ALA A 28 -6.25 15.90 -6.64
N GLU A 29 -5.68 17.04 -6.23
CA GLU A 29 -5.35 18.09 -7.19
C GLU A 29 -4.27 17.64 -8.17
N LYS A 30 -3.32 16.79 -7.73
CA LYS A 30 -2.22 16.38 -8.57
C LYS A 30 -2.42 14.99 -9.18
N SER A 31 -3.54 14.34 -8.90
CA SER A 31 -3.92 13.07 -9.52
C SER A 31 -2.87 12.00 -9.27
N CYS A 32 -2.33 11.98 -8.06
CA CYS A 32 -1.22 11.09 -7.76
C CYS A 32 -1.55 10.05 -6.72
N ALA A 33 -2.82 9.74 -6.51
CA ALA A 33 -3.15 8.74 -5.49
C ALA A 33 -2.49 7.39 -5.74
N PRO A 34 -2.44 6.84 -6.95
CA PRO A 34 -1.81 5.50 -7.12
C PRO A 34 -0.35 5.50 -6.66
N LEU A 35 0.42 6.53 -7.03
CA LEU A 35 1.81 6.63 -6.59
C LEU A 35 1.91 6.71 -5.06
N MET A 36 0.99 7.44 -4.43
CA MET A 36 0.98 7.59 -2.97
C MET A 36 0.57 6.29 -2.27
N LEU A 37 -0.34 5.50 -2.87
CA LEU A 37 -0.62 4.20 -2.29
C LEU A 37 0.60 3.27 -2.37
N ARG A 38 1.25 3.25 -3.53
CA ARG A 38 2.47 2.47 -3.69
C ARG A 38 3.55 2.94 -2.70
N LEU A 39 3.65 4.25 -2.47
CA LEU A 39 4.59 4.76 -1.47
C LEU A 39 4.35 4.16 -0.10
N ALA A 40 3.08 4.17 0.34
CA ALA A 40 2.77 3.67 1.68
C ALA A 40 2.94 2.17 1.77
N TRP A 41 2.55 1.46 0.73
CA TRP A 41 2.64 0.00 0.67
C TRP A 41 4.08 -0.45 0.61
N HIS A 42 4.91 0.19 -0.21
CA HIS A 42 6.31 -0.21 -0.19
C HIS A 42 7.00 0.16 1.13
N SER A 43 6.51 1.18 1.82
CA SER A 43 7.06 1.54 3.11
C SER A 43 6.76 0.46 4.13
N ALA A 44 5.55 -0.06 4.11
CA ALA A 44 5.13 -0.97 5.16
C ALA A 44 5.49 -2.42 4.88
N GLY A 45 5.49 -2.81 3.61
CA GLY A 45 5.52 -4.19 3.21
C GLY A 45 6.86 -4.87 3.36
N THR A 46 7.89 -4.15 3.81
CA THR A 46 9.22 -4.71 4.08
C THR A 46 9.33 -5.35 5.45
N PHE A 47 8.27 -5.32 6.25
CA PHE A 47 8.36 -5.87 7.60
C PHE A 47 8.56 -7.37 7.55
N ASP A 48 9.45 -7.85 8.41
CA ASP A 48 9.67 -9.29 8.60
C ASP A 48 9.46 -9.55 10.08
N VAL A 49 8.43 -10.30 10.42
CA VAL A 49 8.12 -10.53 11.83
C VAL A 49 9.26 -11.26 12.53
N SER A 50 10.07 -12.04 11.78
CA SER A 50 11.07 -12.87 12.45
C SER A 50 12.20 -12.06 13.07
N SER A 51 12.57 -10.94 12.46
CA SER A 51 13.57 -10.03 12.97
C SER A 51 13.00 -8.69 13.43
N ARG A 52 11.71 -8.45 13.22
CA ARG A 52 11.10 -7.15 13.48
C ARG A 52 11.93 -6.00 12.88
N THR A 53 12.45 -6.20 11.66
CA THR A 53 13.11 -5.16 10.88
C THR A 53 12.16 -4.77 9.74
N GLY A 54 12.36 -3.58 9.19
CA GLY A 54 11.47 -3.09 8.16
C GLY A 54 10.14 -2.60 8.71
N GLY A 55 9.22 -2.35 7.78
CA GLY A 55 7.91 -1.89 8.17
C GLY A 55 7.79 -0.39 8.06
N PRO A 56 6.60 0.11 8.41
CA PRO A 56 6.21 1.52 8.17
C PRO A 56 6.81 2.47 9.19
N PHE A 57 8.11 2.69 9.10
CA PHE A 57 8.84 3.50 10.09
C PHE A 57 9.66 4.59 9.42
N GLY A 58 9.17 5.12 8.30
CA GLY A 58 9.68 6.37 7.77
C GLY A 58 10.88 6.23 6.86
N THR A 59 11.37 5.02 6.68
CA THR A 59 12.66 4.79 6.05
C THR A 59 12.65 5.03 4.55
N MET A 60 11.48 5.10 3.91
CA MET A 60 11.42 5.58 2.53
C MET A 60 11.94 6.98 2.29
N LYS A 61 12.02 7.85 3.30
CA LYS A 61 12.75 9.09 3.12
C LYS A 61 14.25 8.83 2.91
N ASN A 62 14.76 7.69 3.34
CA ASN A 62 16.18 7.41 3.28
C ASN A 62 16.59 7.15 1.84
N PRO A 63 17.57 7.88 1.28
CA PRO A 63 17.92 7.67 -0.14
C PRO A 63 18.32 6.23 -0.46
N ALA A 64 18.82 5.49 0.52
CA ALA A 64 19.28 4.14 0.22
C ALA A 64 18.11 3.19 0.01
N GLU A 65 16.97 3.45 0.69
CA GLU A 65 15.78 2.64 0.42
C GLU A 65 15.11 3.11 -0.87
N LEU A 66 15.14 4.42 -1.13
CA LEU A 66 14.60 4.91 -2.41
C LEU A 66 15.33 4.30 -3.59
N ALA A 67 16.60 3.90 -3.40
CA ALA A 67 17.39 3.35 -4.50
C ALA A 67 17.15 1.86 -4.71
N HIS A 68 16.38 1.20 -3.85
CA HIS A 68 16.04 -0.20 -4.10
C HIS A 68 15.32 -0.28 -5.43
N GLY A 69 15.60 -1.33 -6.21
CA GLY A 69 14.98 -1.44 -7.52
C GLY A 69 13.46 -1.35 -7.46
N ALA A 70 12.86 -2.00 -6.45
CA ALA A 70 11.40 -2.02 -6.35
C ALA A 70 10.81 -0.65 -6.05
N ASN A 71 11.61 0.30 -5.61
CA ASN A 71 11.12 1.62 -5.22
C ASN A 71 11.40 2.68 -6.28
N ALA A 72 11.81 2.28 -7.49
CA ALA A 72 12.00 3.23 -8.59
C ALA A 72 10.77 4.11 -8.74
N GLY A 73 10.99 5.41 -8.81
CA GLY A 73 9.91 6.36 -8.94
C GLY A 73 9.33 6.88 -7.64
N LEU A 74 9.54 6.19 -6.50
CA LEU A 74 8.96 6.67 -5.27
C LEU A 74 9.66 7.93 -4.78
N ASP A 75 10.86 8.22 -5.31
CA ASP A 75 11.51 9.48 -4.97
C ASP A 75 10.65 10.65 -5.42
N ILE A 76 9.88 10.48 -6.51
CA ILE A 76 8.95 11.52 -6.94
C ILE A 76 7.91 11.76 -5.87
N ALA A 77 7.38 10.67 -5.28
CA ALA A 77 6.32 10.78 -4.29
C ALA A 77 6.83 11.49 -3.05
N VAL A 78 8.03 11.12 -2.62
CA VAL A 78 8.64 11.72 -1.45
C VAL A 78 8.83 13.22 -1.67
N ARG A 79 9.33 13.59 -2.85
CA ARG A 79 9.51 15.01 -3.12
C ARG A 79 8.20 15.76 -3.24
N LEU A 80 7.17 15.16 -3.83
CA LEU A 80 5.87 15.86 -3.93
C LEU A 80 5.25 16.14 -2.57
N LEU A 81 5.47 15.28 -1.60
CA LEU A 81 4.89 15.43 -0.28
C LEU A 81 5.70 16.30 0.67
N GLU A 82 6.97 16.53 0.37
CA GLU A 82 7.82 17.23 1.32
C GLU A 82 7.35 18.66 1.63
N PRO A 83 6.82 19.44 0.68
CA PRO A 83 6.29 20.77 1.05
C PRO A 83 5.20 20.72 2.13
N ILE A 84 4.36 19.67 2.15
CA ILE A 84 3.40 19.49 3.24
C ILE A 84 4.11 19.03 4.51
N LYS A 85 5.02 18.06 4.39
CA LYS A 85 5.72 17.59 5.57
C LYS A 85 6.42 18.73 6.29
N GLU A 86 7.00 19.66 5.53
CA GLU A 86 7.69 20.78 6.17
C GLU A 86 6.76 21.62 7.02
N GLU A 87 5.46 21.61 6.73
CA GLU A 87 4.52 22.32 7.56
C GLU A 87 4.13 21.58 8.83
N PHE A 88 4.56 20.31 9.01
CA PHE A 88 4.15 19.46 10.14
C PHE A 88 5.39 18.77 10.71
N PRO A 89 6.36 19.55 11.19
CA PRO A 89 7.58 18.94 11.76
C PRO A 89 7.31 17.99 12.90
N ILE A 90 6.19 18.10 13.60
CA ILE A 90 5.96 17.19 14.71
C ILE A 90 5.73 15.76 14.24
N LEU A 91 5.22 15.59 13.03
CA LEU A 91 4.84 14.26 12.58
C LEU A 91 6.06 13.48 12.20
N SER A 92 6.06 12.20 12.52
CA SER A 92 7.06 11.31 11.96
C SER A 92 6.79 11.11 10.47
N TYR A 93 7.86 10.88 9.71
CA TYR A 93 7.69 10.44 8.33
C TYR A 93 6.93 9.13 8.28
N ALA A 94 7.18 8.26 9.27
CA ALA A 94 6.47 6.99 9.36
C ALA A 94 4.97 7.19 9.31
N ASP A 95 4.44 8.03 10.22
CA ASP A 95 3.00 8.29 10.23
C ASP A 95 2.57 9.00 8.95
N PHE A 96 3.40 9.94 8.49
CA PHE A 96 3.02 10.82 7.38
C PHE A 96 2.82 10.04 6.09
N TYR A 97 3.72 9.10 5.78
CA TYR A 97 3.57 8.28 4.58
C TYR A 97 2.43 7.27 4.72
N GLN A 98 2.16 6.75 5.91
CA GLN A 98 0.98 5.89 6.04
C GLN A 98 -0.32 6.70 5.95
N LEU A 99 -0.33 7.93 6.46
CA LEU A 99 -1.50 8.78 6.29
C LEU A 99 -1.73 9.07 4.81
N ALA A 100 -0.66 9.29 4.05
CA ALA A 100 -0.79 9.52 2.63
C ALA A 100 -1.44 8.31 1.95
N GLY A 101 -1.07 7.09 2.35
CA GLY A 101 -1.68 5.91 1.74
C GLY A 101 -3.16 5.81 2.04
N VAL A 102 -3.54 6.14 3.28
CA VAL A 102 -4.92 6.09 3.69
C VAL A 102 -5.71 7.14 2.92
N VAL A 103 -5.13 8.33 2.76
CA VAL A 103 -5.83 9.39 2.04
C VAL A 103 -5.95 9.02 0.57
N ALA A 104 -4.92 8.39 0.01
CA ALA A 104 -4.96 8.00 -1.39
C ALA A 104 -6.15 7.10 -1.69
N VAL A 105 -6.44 6.16 -0.79
CA VAL A 105 -7.59 5.27 -0.97
C VAL A 105 -8.89 6.05 -0.83
N GLU A 106 -8.97 6.94 0.17
CA GLU A 106 -10.15 7.74 0.37
C GLU A 106 -10.48 8.59 -0.86
N VAL A 107 -9.51 9.37 -1.35
CA VAL A 107 -9.83 10.37 -2.38
C VAL A 107 -10.18 9.74 -3.72
N THR A 108 -9.82 8.47 -3.94
CA THR A 108 -10.21 7.75 -5.15
C THR A 108 -11.50 6.95 -4.98
N GLY A 109 -12.22 7.12 -3.88
CA GLY A 109 -13.50 6.47 -3.74
C GLY A 109 -13.51 5.22 -2.91
N GLY A 110 -12.39 4.88 -2.28
CA GLY A 110 -12.27 3.65 -1.54
C GLY A 110 -12.77 3.75 -0.12
N PRO A 111 -12.57 2.67 0.65
CA PRO A 111 -13.01 2.69 2.05
C PRO A 111 -12.22 3.68 2.88
N GLN A 112 -12.80 4.07 4.02
CA GLN A 112 -12.15 4.94 4.98
C GLN A 112 -11.37 4.02 5.92
N ILE A 113 -10.05 4.06 5.83
CA ILE A 113 -9.22 3.17 6.62
C ILE A 113 -8.89 3.85 7.95
N PRO A 114 -9.14 3.21 9.11
CA PRO A 114 -8.70 3.81 10.38
C PRO A 114 -7.23 4.18 10.37
N PHE A 115 -6.89 5.23 11.12
CA PHE A 115 -5.49 5.63 11.25
C PHE A 115 -5.16 5.95 12.70
N HIS A 116 -4.12 5.31 13.21
CA HIS A 116 -3.66 5.51 14.58
C HIS A 116 -2.26 6.10 14.53
N PRO A 117 -2.02 7.26 15.15
CA PRO A 117 -0.70 7.90 15.07
C PRO A 117 0.25 7.30 16.10
N GLY A 118 1.54 7.58 15.89
CA GLY A 118 2.59 7.33 16.85
C GLY A 118 3.75 6.49 16.40
N ARG A 119 3.81 6.15 15.12
CA ARG A 119 4.98 5.42 14.63
C ARG A 119 6.25 6.25 14.78
N GLU A 120 7.34 5.59 15.18
CA GLU A 120 8.65 6.21 15.25
C GLU A 120 9.38 6.12 13.92
N ASP A 121 10.18 7.15 13.62
CA ASP A 121 11.10 7.11 12.48
C ASP A 121 12.36 6.32 12.87
N LYS A 122 12.53 5.20 12.29
CA LYS A 122 13.67 4.37 12.64
C LYS A 122 14.86 4.68 11.75
N PRO A 123 16.10 4.48 12.24
CA PRO A 123 17.26 4.96 11.48
C PRO A 123 17.70 4.08 10.33
N GLN A 124 17.48 2.75 10.42
CA GLN A 124 18.00 1.85 9.41
C GLN A 124 16.91 1.32 8.50
N PRO A 125 17.07 1.46 7.19
CA PRO A 125 16.15 0.78 6.26
C PRO A 125 16.27 -0.72 6.37
N PRO A 126 15.23 -1.43 5.96
CA PRO A 126 15.34 -2.88 5.76
C PRO A 126 16.35 -3.17 4.67
N PRO A 127 16.87 -4.40 4.63
CA PRO A 127 17.60 -4.84 3.43
C PRO A 127 16.66 -4.84 2.22
N GLU A 128 17.24 -4.62 1.05
CA GLU A 128 16.51 -4.77 -0.21
C GLU A 128 16.08 -6.22 -0.41
N GLY A 129 14.94 -6.40 -1.08
CA GLY A 129 14.51 -7.70 -1.54
C GLY A 129 13.35 -8.32 -0.80
N ARG A 130 12.73 -7.58 0.15
CA ARG A 130 11.61 -8.14 0.90
C ARG A 130 10.29 -8.09 0.12
N LEU A 131 10.14 -7.14 -0.78
CA LEU A 131 8.85 -6.93 -1.42
C LEU A 131 8.59 -7.98 -2.48
N PRO A 132 7.33 -8.17 -2.84
CA PRO A 132 6.99 -9.29 -3.72
C PRO A 132 7.48 -9.06 -5.13
N ASP A 133 7.85 -10.16 -5.78
CA ASP A 133 8.39 -10.18 -7.14
C ASP A 133 7.23 -10.42 -8.10
N ALA A 134 7.04 -9.50 -9.05
CA ALA A 134 5.88 -9.59 -9.92
C ALA A 134 5.91 -10.84 -10.81
N THR A 135 7.08 -11.48 -10.96
CA THR A 135 7.18 -12.62 -11.86
C THR A 135 6.94 -13.97 -11.18
N LYS A 136 6.75 -14.00 -9.88
CA LYS A 136 6.63 -15.23 -9.10
C LYS A 136 5.16 -15.46 -8.79
N GLY A 137 4.88 -16.58 -8.13
CA GLY A 137 3.51 -17.02 -7.94
C GLY A 137 3.05 -17.12 -6.50
N SER A 138 2.15 -18.06 -6.27
CA SER A 138 1.43 -18.11 -5.02
C SER A 138 2.33 -18.50 -3.87
N ASP A 139 3.28 -19.42 -4.07
CA ASP A 139 4.20 -19.79 -3.00
C ASP A 139 4.99 -18.57 -2.52
N HIS A 140 5.46 -17.75 -3.46
CA HIS A 140 6.19 -16.52 -3.16
C HIS A 140 5.31 -15.50 -2.47
N LEU A 141 4.07 -15.31 -2.94
CA LEU A 141 3.15 -14.42 -2.24
C LEU A 141 2.95 -14.84 -0.79
N ARG A 142 2.81 -16.14 -0.52
CA ARG A 142 2.62 -16.55 0.88
C ARG A 142 3.89 -16.37 1.70
N GLN A 143 5.06 -16.53 1.07
CA GLN A 143 6.29 -16.26 1.80
C GLN A 143 6.40 -14.79 2.17
N VAL A 144 6.08 -13.90 1.24
CA VAL A 144 6.23 -12.47 1.48
C VAL A 144 5.12 -11.96 2.41
N PHE A 145 3.86 -12.11 1.99
CA PHE A 145 2.79 -11.57 2.81
C PHE A 145 2.56 -12.40 4.06
N GLY A 146 2.79 -13.70 4.00
CA GLY A 146 2.46 -14.56 5.11
C GLY A 146 3.61 -14.75 6.09
N LYS A 147 4.71 -15.31 5.63
CA LYS A 147 5.78 -15.63 6.57
C LYS A 147 6.56 -14.39 6.98
N GLN A 148 6.70 -13.40 6.11
CA GLN A 148 7.40 -12.18 6.53
C GLN A 148 6.42 -11.22 7.22
N MET A 149 5.36 -10.82 6.53
CA MET A 149 4.53 -9.76 7.09
C MET A 149 3.56 -10.27 8.15
N GLY A 150 3.21 -11.56 8.15
CA GLY A 150 2.21 -12.05 9.07
C GLY A 150 0.77 -11.91 8.64
N LEU A 151 0.51 -11.67 7.36
CA LEU A 151 -0.83 -11.44 6.84
C LEU A 151 -1.46 -12.71 6.28
N SER A 152 -2.79 -12.68 6.18
CA SER A 152 -3.53 -13.88 5.80
C SER A 152 -3.70 -13.97 4.27
N ASP A 153 -4.11 -15.16 3.79
CA ASP A 153 -4.44 -15.32 2.38
C ASP A 153 -5.52 -14.35 1.92
N GLN A 154 -6.54 -14.11 2.74
CA GLN A 154 -7.55 -13.09 2.43
C GLN A 154 -6.91 -11.74 2.24
N ASP A 155 -5.99 -11.39 3.14
CA ASP A 155 -5.28 -10.11 3.02
C ASP A 155 -4.52 -10.04 1.72
N ILE A 156 -3.88 -11.13 1.31
CA ILE A 156 -3.14 -11.09 0.07
C ILE A 156 -4.05 -10.71 -1.10
N VAL A 157 -5.21 -11.35 -1.20
CA VAL A 157 -6.08 -11.13 -2.35
C VAL A 157 -6.68 -9.74 -2.29
N ALA A 158 -7.15 -9.33 -1.11
CA ALA A 158 -7.75 -8.01 -0.97
C ALA A 158 -6.72 -6.92 -1.29
N LEU A 159 -5.52 -7.03 -0.73
CA LEU A 159 -4.48 -6.05 -0.99
C LEU A 159 -4.04 -6.03 -2.46
N SER A 160 -4.01 -7.17 -3.15
CA SER A 160 -3.73 -7.14 -4.58
C SER A 160 -4.70 -6.23 -5.34
N GLY A 161 -5.92 -6.06 -4.83
CA GLY A 161 -6.89 -5.14 -5.44
C GLY A 161 -6.47 -3.67 -5.39
N GLY A 162 -5.39 -3.35 -4.70
CA GLY A 162 -4.83 -2.00 -4.80
C GLY A 162 -4.44 -1.66 -6.22
N HIS A 163 -4.21 -2.68 -7.04
CA HIS A 163 -3.94 -2.48 -8.46
C HIS A 163 -5.13 -1.97 -9.26
N THR A 164 -6.30 -1.84 -8.63
CA THR A 164 -7.35 -1.04 -9.24
C THR A 164 -6.90 0.41 -9.45
N LEU A 165 -5.85 0.84 -8.75
CA LEU A 165 -5.26 2.16 -8.97
C LEU A 165 -3.98 2.09 -9.80
N GLY A 166 -3.86 2.99 -10.76
CA GLY A 166 -2.57 3.27 -11.33
C GLY A 166 -2.14 2.28 -12.40
N ARG A 167 -0.82 2.20 -12.60
N ARG A 167 -0.82 2.22 -12.61
CA ARG A 167 -0.27 1.50 -13.74
CA ARG A 167 -0.28 1.49 -13.75
C ARG A 167 1.19 1.17 -13.49
C ARG A 167 1.17 1.13 -13.47
N CYS A 168 1.74 0.36 -14.40
CA CYS A 168 3.15 0.05 -14.45
C CYS A 168 3.79 0.98 -15.49
N HIS A 169 5.06 1.30 -15.24
CA HIS A 169 5.86 2.20 -16.07
C HIS A 169 7.17 1.53 -16.47
N LYS A 170 7.51 1.63 -17.76
CA LYS A 170 8.65 0.86 -18.25
C LYS A 170 9.96 1.28 -17.61
N GLU A 171 10.09 2.55 -17.20
CA GLU A 171 11.30 3.06 -16.55
C GLU A 171 11.33 2.84 -15.04
N ARG A 172 10.21 2.46 -14.44
CA ARG A 172 10.16 2.19 -13.00
C ARG A 172 10.29 0.69 -12.78
N SER A 173 9.20 -0.07 -12.92
CA SER A 173 9.35 -1.52 -12.80
C SER A 173 9.88 -2.17 -14.07
N GLY A 174 9.58 -1.60 -15.24
CA GLY A 174 9.85 -2.23 -16.53
C GLY A 174 8.63 -2.82 -17.18
N PHE A 175 7.60 -3.11 -16.39
CA PHE A 175 6.28 -3.41 -16.93
C PHE A 175 5.63 -2.11 -17.40
N GLU A 176 4.63 -2.24 -18.27
CA GLU A 176 4.01 -1.04 -18.82
C GLU A 176 2.53 -1.28 -19.08
N GLY A 177 1.71 -0.49 -18.40
CA GLY A 177 0.28 -0.49 -18.59
C GLY A 177 -0.55 -0.56 -17.31
N ALA A 178 -1.85 -0.25 -17.43
CA ALA A 178 -2.73 -0.19 -16.27
C ALA A 178 -3.52 -1.49 -16.16
N TRP A 179 -3.90 -1.82 -14.93
CA TRP A 179 -4.75 -2.98 -14.73
C TRP A 179 -6.20 -2.72 -15.07
N THR A 180 -6.66 -1.47 -15.01
CA THR A 180 -8.06 -1.15 -15.16
C THR A 180 -8.23 0.04 -16.10
N SER A 181 -9.45 0.17 -16.65
CA SER A 181 -9.81 1.29 -17.49
C SER A 181 -10.00 2.60 -16.72
N ASN A 182 -10.10 2.55 -15.40
CA ASN A 182 -10.31 3.75 -14.58
C ASN A 182 -9.26 3.79 -13.48
N PRO A 183 -8.00 4.11 -13.82
CA PRO A 183 -6.93 3.94 -12.81
C PRO A 183 -6.91 5.00 -11.73
N LEU A 184 -7.78 5.99 -11.74
CA LEU A 184 -7.94 6.88 -10.59
C LEU A 184 -9.21 6.59 -9.78
N VAL A 185 -9.89 5.49 -10.04
CA VAL A 185 -11.07 5.11 -9.30
C VAL A 185 -10.79 3.85 -8.50
N PHE A 186 -11.00 3.91 -7.19
CA PHE A 186 -10.82 2.74 -6.34
C PHE A 186 -12.13 1.96 -6.34
N ASP A 187 -12.11 0.80 -6.97
CA ASP A 187 -13.27 -0.07 -7.08
C ASP A 187 -12.78 -1.50 -7.24
N ASN A 188 -13.71 -2.44 -7.44
CA ASN A 188 -13.31 -3.84 -7.57
C ASN A 188 -12.98 -4.24 -9.03
N SER A 189 -12.67 -3.29 -9.93
CA SER A 189 -12.51 -3.59 -11.36
C SER A 189 -11.33 -4.52 -11.59
N TYR A 190 -10.32 -4.42 -10.74
CA TYR A 190 -9.14 -5.26 -10.91
C TYR A 190 -9.50 -6.73 -11.02
N PHE A 191 -10.35 -7.19 -10.09
CA PHE A 191 -10.75 -8.61 -10.03
C PHE A 191 -11.61 -8.99 -11.23
N LYS A 192 -12.44 -8.08 -11.71
CA LYS A 192 -13.23 -8.35 -12.91
C LYS A 192 -12.34 -8.49 -14.14
N GLU A 193 -11.35 -7.62 -14.26
CA GLU A 193 -10.43 -7.74 -15.39
C GLU A 193 -9.63 -9.04 -15.31
N LEU A 194 -9.23 -9.45 -14.10
CA LEU A 194 -8.51 -10.71 -13.99
C LEU A 194 -9.39 -11.87 -14.45
N LEU A 195 -10.64 -11.88 -14.01
CA LEU A 195 -11.53 -12.98 -14.37
C LEU A 195 -11.77 -13.03 -15.87
N SER A 196 -11.84 -11.88 -16.52
CA SER A 196 -12.18 -11.87 -17.93
C SER A 196 -11.02 -12.31 -18.81
N GLY A 197 -9.85 -12.56 -18.24
CA GLY A 197 -8.69 -12.84 -19.06
C GLY A 197 -8.03 -11.57 -19.53
N ASP A 198 -6.95 -11.74 -20.29
CA ASP A 198 -6.22 -10.59 -20.80
C ASP A 198 -7.04 -9.86 -21.86
N LYS A 199 -6.85 -8.54 -21.93
CA LYS A 199 -7.45 -7.79 -23.05
C LYS A 199 -6.55 -6.64 -23.48
N GLU A 200 -6.71 -6.25 -24.75
CA GLU A 200 -5.93 -5.16 -25.30
C GLU A 200 -6.13 -3.90 -24.48
N GLY A 201 -5.03 -3.18 -24.26
CA GLY A 201 -5.09 -1.96 -23.51
C GLY A 201 -4.86 -2.12 -22.03
N LEU A 202 -4.89 -3.35 -21.48
CA LEU A 202 -4.74 -3.57 -20.05
C LEU A 202 -3.65 -4.61 -19.80
N LEU A 203 -3.10 -4.57 -18.58
CA LEU A 203 -1.97 -5.36 -18.15
C LEU A 203 -2.37 -6.29 -17.00
N GLN A 204 -1.72 -7.46 -16.96
CA GLN A 204 -1.76 -8.37 -15.81
C GLN A 204 -0.35 -8.88 -15.57
N LEU A 205 0.09 -8.83 -14.32
CA LEU A 205 1.37 -9.41 -13.98
C LEU A 205 1.25 -10.88 -13.65
N PRO A 206 2.33 -11.65 -13.74
CA PRO A 206 2.23 -13.05 -13.28
C PRO A 206 1.74 -13.16 -11.83
N SER A 207 2.09 -12.21 -10.96
CA SER A 207 1.63 -12.27 -9.57
C SER A 207 0.13 -12.06 -9.47
N ASP A 208 -0.43 -11.26 -10.36
CA ASP A 208 -1.89 -11.11 -10.45
C ASP A 208 -2.52 -12.43 -10.88
N LYS A 209 -1.99 -13.01 -11.94
CA LYS A 209 -2.55 -14.26 -12.45
C LYS A 209 -2.45 -15.42 -11.47
N ALA A 210 -1.47 -15.41 -10.56
CA ALA A 210 -1.39 -16.47 -9.56
C ALA A 210 -2.64 -16.55 -8.70
N LEU A 211 -3.33 -15.41 -8.54
CA LEU A 211 -4.55 -15.40 -7.74
C LEU A 211 -5.63 -16.26 -8.39
N LEU A 212 -5.59 -16.43 -9.70
CA LEU A 212 -6.66 -17.13 -10.39
C LEU A 212 -6.53 -18.65 -10.34
N SER A 213 -5.30 -19.17 -10.32
CA SER A 213 -5.06 -20.60 -10.34
C SER A 213 -4.94 -21.21 -8.93
N ASP A 214 -4.74 -20.41 -7.91
CA ASP A 214 -4.60 -20.97 -6.57
C ASP A 214 -5.97 -21.32 -6.00
N PRO A 215 -6.17 -22.51 -5.43
CA PRO A 215 -7.51 -22.89 -4.99
C PRO A 215 -7.99 -22.14 -3.77
N ALA A 216 -7.11 -21.47 -3.02
CA ALA A 216 -7.55 -20.64 -1.91
C ALA A 216 -7.74 -19.18 -2.32
N PHE A 217 -6.87 -18.65 -3.19
CA PHE A 217 -7.02 -17.27 -3.64
C PHE A 217 -8.24 -17.10 -4.55
N ARG A 218 -8.48 -18.05 -5.45
CA ARG A 218 -9.49 -17.87 -6.49
C ARG A 218 -10.89 -17.60 -5.93
N PRO A 219 -11.39 -18.34 -4.93
CA PRO A 219 -12.72 -17.98 -4.40
C PRO A 219 -12.78 -16.54 -3.91
N LEU A 220 -11.65 -15.99 -3.42
CA LEU A 220 -11.66 -14.59 -2.98
C LEU A 220 -11.74 -13.64 -4.19
N VAL A 221 -10.99 -13.92 -5.26
CA VAL A 221 -11.14 -13.14 -6.48
C VAL A 221 -12.59 -13.13 -6.92
N ASP A 222 -13.20 -14.32 -6.99
CA ASP A 222 -14.60 -14.44 -7.39
C ASP A 222 -15.49 -13.54 -6.52
N LYS A 223 -15.27 -13.59 -5.19
CA LYS A 223 -16.09 -12.84 -4.24
C LYS A 223 -15.97 -11.36 -4.47
N TYR A 224 -14.73 -10.85 -4.59
CA TYR A 224 -14.51 -9.42 -4.73
C TYR A 224 -14.98 -8.92 -6.10
N ALA A 225 -14.88 -9.76 -7.14
CA ALA A 225 -15.37 -9.36 -8.47
C ALA A 225 -16.87 -9.18 -8.46
N ALA A 226 -17.57 -9.95 -7.63
CA ALA A 226 -19.03 -9.91 -7.59
C ALA A 226 -19.57 -8.94 -6.56
N ASP A 227 -18.83 -8.66 -5.49
CA ASP A 227 -19.33 -7.91 -4.32
C ASP A 227 -18.32 -6.83 -3.92
N GLU A 228 -18.52 -5.61 -4.41
CA GLU A 228 -17.57 -4.55 -4.08
C GLU A 228 -17.58 -4.23 -2.59
N LYS A 229 -18.72 -4.40 -1.92
CA LYS A 229 -18.78 -4.09 -0.50
C LYS A 229 -17.90 -5.04 0.29
N ALA A 230 -17.95 -6.34 -0.04
CA ALA A 230 -17.10 -7.29 0.64
C ALA A 230 -15.63 -7.00 0.37
N PHE A 231 -15.30 -6.59 -0.85
CA PHE A 231 -13.94 -6.21 -1.17
C PHE A 231 -13.51 -5.02 -0.34
N PHE A 232 -14.35 -3.98 -0.25
CA PHE A 232 -13.97 -2.80 0.52
C PHE A 232 -13.76 -3.14 1.99
N GLU A 233 -14.59 -4.00 2.56
CA GLU A 233 -14.44 -4.37 3.98
C GLU A 233 -13.13 -5.11 4.22
N ASP A 234 -12.82 -6.08 3.37
CA ASP A 234 -11.63 -6.88 3.56
C ASP A 234 -10.37 -6.08 3.19
N TYR A 235 -10.47 -5.22 2.16
CA TYR A 235 -9.37 -4.32 1.82
C TYR A 235 -9.08 -3.39 3.00
N LYS A 236 -10.13 -2.82 3.60
CA LYS A 236 -9.92 -1.93 4.75
C LYS A 236 -9.18 -2.62 5.88
N GLU A 237 -9.61 -3.83 6.25
CA GLU A 237 -8.95 -4.56 7.31
C GLU A 237 -7.51 -4.90 6.94
N ALA A 238 -7.25 -5.26 5.69
CA ALA A 238 -5.90 -5.66 5.30
C ALA A 238 -4.96 -4.47 5.22
N HIS A 239 -5.46 -3.34 4.72
CA HIS A 239 -4.65 -2.11 4.65
C HIS A 239 -4.33 -1.62 6.05
N LEU A 240 -5.32 -1.66 6.94
CA LEU A 240 -5.05 -1.27 8.31
C LEU A 240 -3.91 -2.11 8.90
N LYS A 241 -3.99 -3.44 8.77
CA LYS A 241 -2.93 -4.30 9.33
C LYS A 241 -1.58 -3.98 8.72
N LEU A 242 -1.54 -3.87 7.38
CA LEU A 242 -0.32 -3.54 6.65
C LEU A 242 0.29 -2.24 7.15
N SER A 243 -0.54 -1.21 7.32
CA SER A 243 -0.04 0.11 7.69
C SER A 243 0.51 0.12 9.12
N GLU A 244 0.26 -0.95 9.91
CA GLU A 244 0.63 -1.03 11.33
C GLU A 244 1.56 -2.20 11.63
N LEU A 245 2.13 -2.83 10.63
CA LEU A 245 3.05 -3.94 10.87
C LEU A 245 4.19 -3.49 11.76
N GLY A 246 4.42 -4.25 12.82
CA GLY A 246 5.45 -3.93 13.77
C GLY A 246 5.18 -2.75 14.67
N PHE A 247 4.03 -2.11 14.52
CA PHE A 247 3.68 -0.89 15.25
C PHE A 247 2.60 -1.22 16.27
N ALA A 248 2.84 -0.81 17.51
CA ALA A 248 1.82 -0.84 18.53
C ALA A 248 1.40 -2.26 18.84
N ASP A 249 2.30 -3.22 18.66
CA ASP A 249 1.92 -4.59 18.95
C ASP A 249 1.81 -4.83 20.45
N ALA A 250 0.74 -5.50 20.86
CA ALA A 250 0.59 -5.98 22.24
C ALA A 250 1.46 -7.20 22.44
CHA HEM B . 2.37 -0.68 -9.11
CHB HEM B . 4.01 -5.18 -8.26
CHC HEM B . 0.97 -5.56 -4.51
CHD HEM B . -0.36 -0.96 -5.15
C1A HEM B . 3.07 -1.86 -9.18
C2A HEM B . 4.06 -2.13 -10.18
C3A HEM B . 4.52 -3.39 -9.95
C4A HEM B . 3.80 -3.93 -8.80
CMA HEM B . 5.59 -4.16 -10.76
CAA HEM B . 4.49 -1.14 -11.28
CBA HEM B . 5.28 0.02 -10.68
CGA HEM B . 5.68 0.94 -11.80
O1A HEM B . 5.37 2.15 -11.66
O2A HEM B . 6.24 0.43 -12.82
C1B HEM B . 3.28 -5.70 -7.23
C2B HEM B . 3.34 -7.06 -6.77
C3B HEM B . 2.48 -7.16 -5.77
C4B HEM B . 1.85 -5.87 -5.51
CMB HEM B . 4.19 -8.19 -7.39
CAB HEM B . 2.20 -8.46 -5.03
CBB HEM B . 0.94 -8.75 -4.68
C1C HEM B . 0.46 -4.31 -4.26
C2C HEM B . -0.21 -3.85 -3.06
C3C HEM B . -0.58 -2.57 -3.27
C4C HEM B . -0.17 -2.19 -4.57
CMC HEM B . -0.43 -4.71 -1.81
CAC HEM B . -1.32 -1.61 -2.31
CBC HEM B . -2.40 -2.03 -1.65
C1D HEM B . 0.17 -0.54 -6.34
C2D HEM B . -0.24 0.64 -7.07
C3D HEM B . 0.50 0.72 -8.19
C4D HEM B . 1.42 -0.41 -8.17
CMD HEM B . -1.36 1.57 -6.60
CAD HEM B . 0.43 1.81 -9.30
CBD HEM B . 1.52 2.87 -9.05
CGD HEM B . 1.38 4.04 -9.99
O1D HEM B . 0.38 4.13 -10.75
O2D HEM B . 2.31 4.90 -9.98
NA HEM B . 2.92 -2.96 -8.36
NB HEM B . 2.41 -4.99 -6.41
NC HEM B . 0.46 -3.26 -5.14
ND HEM B . 1.19 -1.15 -7.04
FE HEM B . 1.73 -3.08 -6.74
HHB HEM B . 4.72 -5.73 -8.64
HHC HEM B . 0.68 -6.29 -3.91
HHD HEM B . -0.94 -0.32 -4.66
HMA HEM B . 5.70 -5.06 -10.39
HMAA HEM B . 6.45 -3.68 -10.71
HMAB HEM B . 5.31 -4.23 -11.70
HAA HEM B . 3.71 -0.81 -11.72
HAAA HEM B . 5.06 -1.61 -11.91
HBA HEM B . 6.06 -0.31 -10.22
HBAA HEM B . 4.71 0.50 -10.05
HMB HEM B . 3.89 -8.36 -8.29
HMBA HEM B . 4.10 -8.99 -6.85
HMBB HEM B . 5.13 -7.92 -7.41
HAB HEM B . 2.92 -9.05 -4.83
HBB HEM B . 0.75 -9.57 -4.21
HBBA HEM B . 0.22 -8.13 -4.89
HMC HEM B . -0.91 -4.20 -1.13
HMCA HEM B . 0.42 -4.98 -1.43
HMCB HEM B . -0.95 -5.49 -2.04
HAC HEM B . -1.01 -0.71 -2.20
HBC HEM B . -2.87 -1.43 -1.05
HBCA HEM B . -2.72 -2.94 -1.77
HMD HEM B . -1.40 2.35 -7.18
HMDA HEM B . -2.22 1.10 -6.62
HMDB HEM B . -1.18 1.86 -5.68
HAD HEM B . -0.44 2.24 -9.28
HADA HEM B . 0.58 1.41 -10.17
HBD HEM B . 2.38 2.46 -9.18
HBDA HEM B . 1.44 3.18 -8.13
HHA HEM B . 2.56 0.00 -9.78
O1 OXY C . 3.17 -2.39 -5.82
O2 OXY C . 4.14 -3.06 -5.58
NA NA D . -9.89 1.31 -11.20
#